data_9M79
#
_entry.id   9M79
#
_cell.length_a   1.00
_cell.length_b   1.00
_cell.length_c   1.00
_cell.angle_alpha   90.00
_cell.angle_beta   90.00
_cell.angle_gamma   90.00
#
_symmetry.space_group_name_H-M   'P 1'
#
_entity_poly.entity_id   1
_entity_poly.type   'polyribonucleotide'
_entity_poly.pdbx_seq_one_letter_code
;GGACCGAUGAAGCUAGUGGAUGAGGUGUGACAAGCCGCCUAGCCAUACGACUCUUAAUAACUACUAUGACGAAAUAUACG
GAUACGUUUAUUUUUUCUAAUUUCCACUUGGGUAGUACUAAUUGGGAGCAACGAAAAAAGUUGUGUAGAGAGAAGCAAGG
GGACUCAUAUCUGAAACUAAGACACUUGCCGUCAGGGAUUCGCAAUAUGCCAUCUUCAGUUAAUUAAGGCUGAUUACCUU
AGGAACCAAAAGAAGAAUAUCAACUAAGAAUUCGUGUCGUGAAGUUGUGGUGACGCAACUAUAACUGACGAGUAAGGUUU
GAGUAGCCAAAAUCGACAAUCUUACAUUAACUGGAACAUUGCACAUGUUUGGUGAAAAUUGGAUAGGAAAAGAUCUAUGC
CCUGAACUUGAAAUGCGGACUAGGUCGUGGAAGUUGCUAGCCAUGAUGUGCUAGUCUGAUUCAGUAGUCUAAUAAGUCCA
GAUACAAGAGUAUCCCACGUAAGCCAAUACGCGUCGGUUU
;
_entity_poly.pdbx_strand_id   A
#